data_6JBX
#
_entry.id   6JBX
#
_cell.length_a   73.022
_cell.length_b   60.868
_cell.length_c   74.086
_cell.angle_alpha   90.00
_cell.angle_beta   105.40
_cell.angle_gamma   90.00
#
_symmetry.space_group_name_H-M   'P 1 21 1'
#
loop_
_entity.id
_entity.type
_entity.pdbx_description
1 polymer 'Fatty acid biosynthesis transcriptional regulator'
2 polymer "DNA (5'-D(*AP*AP*TP*AP*GP*TP*TP*TP*GP*AP*CP*TP*GP*TP*CP*AP*AP*AP*TP*TP*AP*TP*G)-3')"
3 polymer "DNA (5'-D(*CP*AP*TP*AP*AP*TP*TP*TP*GP*AP*CP*AP*GP*TP*CP*AP*AP*AP*CP*TP*AP*TP*T)-3')"
4 non-polymer TRIDECANE
5 water water
#
loop_
_entity_poly.entity_id
_entity_poly.type
_entity_poly.pdbx_seq_one_letter_code
_entity_poly.pdbx_strand_id
1 'polypeptide(L)'
;MGHHHHHHMDYQRINEYLTSIFNNVLVIEEVNLRGSRFKDISIKEMHTIDVIGKAPDVTPSQVSKELMVTLGTVTTSLNN
LERKGYIERVRSEQDRRVVHLHLTKKGRLIHRLHKRFHKAMVEKIIDGMSEEEIAVMGKGLTNLYQFLEDLK
;
A,B
2 'polydeoxyribonucleotide'
;(DA)(DA)(DT)(DA)(DG)(DT)(DT)(DT)(DG)(DA)(DC)(DT)(DG)(DT)(DC)(DA)(DA)(DA)(DT)(DT)
(DA)(DT)(DG)
;
C
3 'polydeoxyribonucleotide'
;(DC)(DA)(DT)(DA)(DA)(DT)(DT)(DT)(DG)(DA)(DC)(DA)(DG)(DT)(DC)(DA)(DA)(DA)(DC)(DT)
(DA)(DT)(DT)
;
D
#
loop_
_chem_comp.id
_chem_comp.type
_chem_comp.name
_chem_comp.formula
DA DNA linking 2'-DEOXYADENOSINE-5'-MONOPHOSPHATE 'C10 H14 N5 O6 P'
DC DNA linking 2'-DEOXYCYTIDINE-5'-MONOPHOSPHATE 'C9 H14 N3 O7 P'
DG DNA linking 2'-DEOXYGUANOSINE-5'-MONOPHOSPHATE 'C10 H14 N5 O7 P'
DT DNA linking THYMIDINE-5'-MONOPHOSPHATE 'C10 H15 N2 O8 P'
TRD non-polymer TRIDECANE 'C13 H28'
#
# COMPACT_ATOMS: atom_id res chain seq x y z
N HIS A 7 -17.00 -19.96 12.35
CA HIS A 7 -16.27 -20.51 11.12
C HIS A 7 -15.36 -19.43 10.49
N HIS A 8 -14.15 -19.83 10.13
CA HIS A 8 -13.19 -18.94 9.48
C HIS A 8 -13.76 -18.45 8.14
N MET A 9 -13.32 -17.30 7.72
CA MET A 9 -13.58 -16.88 6.33
C MET A 9 -12.86 -17.83 5.37
N ASP A 10 -13.47 -18.08 4.25
CA ASP A 10 -12.83 -18.82 3.15
C ASP A 10 -11.51 -18.14 2.76
N TYR A 11 -10.48 -18.92 2.55
CA TYR A 11 -9.18 -18.36 2.10
C TYR A 11 -9.32 -17.54 0.81
N GLN A 12 -10.12 -18.01 -0.12
CA GLN A 12 -10.37 -17.32 -1.40
C GLN A 12 -10.89 -15.89 -1.15
N ARG A 13 -11.73 -15.72 -0.14
CA ARG A 13 -12.32 -14.42 0.10
C ARG A 13 -11.28 -13.56 0.81
N ILE A 14 -10.53 -14.14 1.73
CA ILE A 14 -9.43 -13.46 2.39
C ILE A 14 -8.45 -12.91 1.32
N ASN A 15 -8.05 -13.78 0.39
CA ASN A 15 -7.05 -13.45 -0.58
C ASN A 15 -7.54 -12.33 -1.49
N GLU A 16 -8.76 -12.45 -1.93
CA GLU A 16 -9.43 -11.46 -2.70
C GLU A 16 -9.45 -10.10 -1.97
N TYR A 17 -9.79 -10.08 -0.68
CA TYR A 17 -9.87 -8.80 0.01
C TYR A 17 -8.47 -8.21 0.18
N LEU A 18 -7.52 -9.03 0.62
CA LEU A 18 -6.20 -8.52 0.82
C LEU A 18 -5.63 -7.98 -0.50
N THR A 19 -5.84 -8.69 -1.62
CA THR A 19 -5.27 -8.28 -2.92
C THR A 19 -5.85 -6.93 -3.34
N SER A 20 -7.17 -6.72 -3.19
CA SER A 20 -7.81 -5.42 -3.51
C SER A 20 -7.19 -4.29 -2.68
N ILE A 21 -7.06 -4.54 -1.40
CA ILE A 21 -6.57 -3.58 -0.50
C ILE A 21 -5.13 -3.23 -0.86
N PHE A 22 -4.23 -4.20 -0.93
CA PHE A 22 -2.85 -3.89 -1.23
C PHE A 22 -2.67 -3.27 -2.62
N ASN A 23 -3.41 -3.65 -3.63
CA ASN A 23 -3.20 -3.08 -4.96
C ASN A 23 -3.76 -1.65 -5.05
N ASN A 24 -4.79 -1.30 -4.25
CA ASN A 24 -5.51 -0.07 -4.55
C ASN A 24 -5.43 1.01 -3.44
N VAL A 25 -5.02 0.70 -2.23
CA VAL A 25 -5.24 1.60 -1.09
C VAL A 25 -4.45 2.91 -1.33
N LEU A 26 -3.23 2.83 -1.86
CA LEU A 26 -2.40 4.06 -2.07
C LEU A 26 -2.97 4.91 -3.21
N VAL A 27 -3.50 4.30 -4.25
CA VAL A 27 -4.17 5.00 -5.31
C VAL A 27 -5.43 5.70 -4.79
N ILE A 28 -6.25 5.03 -3.98
CA ILE A 28 -7.45 5.64 -3.47
C ILE A 28 -7.10 6.82 -2.56
N GLU A 29 -6.05 6.71 -1.77
CA GLU A 29 -5.66 7.82 -0.92
C GLU A 29 -5.16 9.01 -1.77
N GLU A 30 -4.39 8.73 -2.78
CA GLU A 30 -3.90 9.76 -3.67
C GLU A 30 -5.09 10.44 -4.37
N VAL A 31 -6.09 9.70 -4.82
CA VAL A 31 -7.24 10.26 -5.49
C VAL A 31 -8.01 11.17 -4.53
N ASN A 32 -8.14 10.76 -3.30
CA ASN A 32 -8.81 11.62 -2.33
C ASN A 32 -8.05 12.94 -2.10
N LEU A 33 -6.71 12.92 -2.07
CA LEU A 33 -5.92 14.16 -1.90
C LEU A 33 -6.06 15.05 -3.15
N ARG A 34 -5.96 14.46 -4.36
CA ARG A 34 -6.02 15.17 -5.65
C ARG A 34 -7.38 15.83 -5.88
N GLY A 35 -8.41 15.31 -5.27
CA GLY A 35 -9.74 15.90 -5.37
C GLY A 35 -9.95 16.93 -4.28
N SER A 36 -8.98 17.10 -3.38
CA SER A 36 -9.10 18.06 -2.27
C SER A 36 -8.86 19.50 -2.78
N ARG A 37 -8.92 20.43 -1.83
CA ARG A 37 -8.67 21.81 -2.13
C ARG A 37 -7.16 22.02 -2.32
N PHE A 38 -6.31 21.04 -1.95
CA PHE A 38 -4.88 21.13 -2.22
C PHE A 38 -4.48 20.04 -3.23
N LYS A 39 -4.23 20.44 -4.47
CA LYS A 39 -4.19 19.43 -5.52
C LYS A 39 -2.76 19.12 -5.97
N ASP A 40 -1.78 19.65 -5.30
CA ASP A 40 -0.40 19.49 -5.76
C ASP A 40 0.43 18.64 -4.76
N ILE A 41 -0.20 17.70 -4.05
CA ILE A 41 0.46 16.87 -3.04
C ILE A 41 0.11 15.40 -3.30
N SER A 42 1.13 14.62 -3.57
CA SER A 42 1.00 13.20 -3.79
C SER A 42 0.90 12.47 -2.44
N ILE A 43 0.52 11.20 -2.50
CA ILE A 43 0.43 10.45 -1.25
C ILE A 43 1.82 10.30 -0.63
N LYS A 44 2.87 10.18 -1.42
CA LYS A 44 4.23 10.09 -0.84
C LYS A 44 4.66 11.40 -0.20
N GLU A 45 4.31 12.53 -0.80
CA GLU A 45 4.61 13.81 -0.14
C GLU A 45 3.77 13.93 1.11
N MET A 46 2.54 13.44 1.09
CA MET A 46 1.69 13.49 2.28
C MET A 46 2.37 12.70 3.41
N HIS A 47 3.12 11.65 3.09
CA HIS A 47 3.79 10.92 4.18
C HIS A 47 4.87 11.79 4.81
N THR A 48 5.65 12.51 4.01
CA THR A 48 6.67 13.42 4.53
C THR A 48 6.00 14.51 5.37
N ILE A 49 4.89 15.06 4.88
CA ILE A 49 4.20 16.10 5.65
C ILE A 49 3.78 15.54 7.01
N ASP A 50 3.32 14.30 7.02
CA ASP A 50 2.77 13.61 8.19
C ASP A 50 3.85 13.45 9.28
N VAL A 51 5.02 12.98 8.88
CA VAL A 51 6.12 12.85 9.82
C VAL A 51 6.42 14.21 10.46
N ILE A 52 6.55 15.27 9.64
CA ILE A 52 6.94 16.58 10.14
C ILE A 52 5.83 17.11 11.06
N GLY A 53 4.57 16.88 10.71
CA GLY A 53 3.48 17.45 11.52
C GLY A 53 3.35 16.80 12.90
N LYS A 54 3.62 15.51 12.95
CA LYS A 54 3.55 14.76 14.23
C LYS A 54 4.75 15.13 15.12
N ALA A 55 5.87 15.50 14.50
CA ALA A 55 7.11 15.72 15.25
C ALA A 55 7.77 17.02 14.80
N PRO A 56 7.22 18.16 15.24
CA PRO A 56 7.82 19.45 14.86
C PRO A 56 9.33 19.48 15.20
N ASP A 57 10.11 20.12 14.32
CA ASP A 57 11.59 20.25 14.39
C ASP A 57 12.34 18.94 14.10
N VAL A 58 11.68 17.93 13.57
CA VAL A 58 12.38 16.74 13.15
C VAL A 58 13.41 17.08 12.05
N THR A 59 14.41 16.25 11.93
CA THR A 59 15.47 16.53 10.96
C THR A 59 15.31 15.63 9.72
N PRO A 60 15.99 16.00 8.62
CA PRO A 60 15.91 15.10 7.47
C PRO A 60 16.31 13.65 7.78
N SER A 61 17.40 13.48 8.53
CA SER A 61 17.86 12.12 8.92
C SER A 61 16.73 11.38 9.61
N GLN A 62 15.98 12.04 10.48
CA GLN A 62 14.94 11.32 11.25
C GLN A 62 13.78 10.97 10.33
N VAL A 63 13.50 11.85 9.35
CA VAL A 63 12.44 11.57 8.36
C VAL A 63 12.85 10.37 7.51
N SER A 64 14.08 10.35 7.06
CA SER A 64 14.65 9.22 6.36
C SER A 64 14.43 7.88 7.10
N LYS A 65 14.82 7.81 8.36
CA LYS A 65 14.68 6.58 9.12
C LYS A 65 13.19 6.24 9.25
N GLU A 66 12.36 7.24 9.51
CA GLU A 66 10.96 7.01 9.72
C GLU A 66 10.28 6.52 8.42
N LEU A 67 10.78 6.94 7.25
CA LEU A 67 10.11 6.60 5.97
C LEU A 67 10.84 5.45 5.27
N MET A 68 12.04 5.10 5.74
CA MET A 68 12.77 3.98 5.18
C MET A 68 13.11 4.27 3.71
N VAL A 69 13.61 5.48 3.44
CA VAL A 69 14.22 5.83 2.16
C VAL A 69 15.50 6.59 2.48
N THR A 70 16.35 6.75 1.48
CA THR A 70 17.63 7.35 1.71
C THR A 70 17.48 8.86 1.86
N LEU A 71 18.56 9.48 2.31
CA LEU A 71 18.50 10.87 2.70
C LEU A 71 18.34 11.75 1.46
N GLY A 72 19.04 11.41 0.36
CA GLY A 72 18.90 12.12 -0.94
C GLY A 72 17.44 12.25 -1.37
N THR A 73 16.72 11.14 -1.24
CA THR A 73 15.31 11.04 -1.52
C THR A 73 14.51 12.00 -0.65
N VAL A 74 14.80 12.03 0.66
CA VAL A 74 14.12 12.95 1.57
C VAL A 74 14.44 14.40 1.17
N THR A 75 15.68 14.68 0.80
CA THR A 75 16.07 16.07 0.50
C THR A 75 15.27 16.58 -0.71
N THR A 76 15.12 15.73 -1.74
CA THR A 76 14.38 16.10 -2.94
C THR A 76 12.92 16.42 -2.57
N SER A 77 12.32 15.56 -1.78
CA SER A 77 10.93 15.73 -1.41
C SER A 77 10.78 17.03 -0.61
N LEU A 78 11.71 17.30 0.31
CA LEU A 78 11.62 18.51 1.11
C LEU A 78 11.80 19.75 0.21
N ASN A 79 12.68 19.69 -0.80
CA ASN A 79 12.85 20.82 -1.73
C ASN A 79 11.52 21.12 -2.43
N ASN A 80 10.85 20.09 -2.96
CA ASN A 80 9.52 20.27 -3.60
C ASN A 80 8.51 20.83 -2.60
N LEU A 81 8.53 20.36 -1.38
CA LEU A 81 7.50 20.74 -0.40
C LEU A 81 7.79 22.18 0.06
N GLU A 82 9.05 22.56 0.21
CA GLU A 82 9.38 23.94 0.59
C GLU A 82 8.99 24.87 -0.57
N ARG A 83 9.37 24.52 -1.79
CA ARG A 83 8.98 25.30 -2.98
C ARG A 83 7.45 25.48 -3.01
N LYS A 84 6.67 24.43 -2.70
CA LYS A 84 5.24 24.51 -2.84
C LYS A 84 4.61 25.16 -1.62
N GLY A 85 5.37 25.48 -0.57
CA GLY A 85 4.86 26.28 0.55
C GLY A 85 4.28 25.47 1.70
N TYR A 86 4.65 24.19 1.84
CA TYR A 86 4.07 23.31 2.92
C TYR A 86 5.01 23.15 4.10
N ILE A 87 6.30 23.35 3.92
CA ILE A 87 7.23 23.17 5.01
C ILE A 87 8.27 24.29 5.01
N GLU A 88 8.97 24.43 6.14
CA GLU A 88 10.11 25.35 6.27
C GLU A 88 11.29 24.60 6.88
N ARG A 89 12.45 24.88 6.32
CA ARG A 89 13.73 24.37 6.83
C ARG A 89 14.36 25.43 7.74
N VAL A 90 14.87 25.01 8.90
CA VAL A 90 15.53 25.95 9.86
C VAL A 90 16.88 25.38 10.28
N ARG A 91 17.96 26.13 10.02
CA ARG A 91 19.34 25.70 10.40
C ARG A 91 19.42 25.70 11.94
N SER A 92 19.93 24.60 12.48
CA SER A 92 20.17 24.48 13.92
C SER A 92 21.25 25.48 14.34
N GLU A 93 21.15 25.92 15.58
CA GLU A 93 22.14 26.85 16.11
C GLU A 93 23.14 26.11 17.02
N GLN A 94 22.78 24.93 17.56
CA GLN A 94 23.72 24.08 18.29
C GLN A 94 24.70 23.43 17.30
N ASP A 95 24.19 22.61 16.37
CA ASP A 95 25.02 21.93 15.39
C ASP A 95 24.66 22.48 14.01
N ARG A 96 25.57 23.21 13.37
CA ARG A 96 25.26 23.91 12.13
C ARG A 96 25.21 22.94 10.95
N ARG A 97 25.39 21.64 11.15
CA ARG A 97 25.13 20.64 10.12
C ARG A 97 23.63 20.28 10.05
N VAL A 98 22.87 20.63 11.08
CA VAL A 98 21.56 20.06 11.31
C VAL A 98 20.50 21.04 10.82
N VAL A 99 19.43 20.45 10.27
CA VAL A 99 18.26 21.20 9.77
C VAL A 99 17.05 20.73 10.57
N HIS A 100 16.26 21.68 11.02
CA HIS A 100 15.01 21.39 11.71
C HIS A 100 13.85 21.72 10.77
N LEU A 101 12.89 20.82 10.67
CA LEU A 101 11.77 20.98 9.72
C LEU A 101 10.49 21.27 10.49
N HIS A 102 9.65 22.10 9.93
CA HIS A 102 8.30 22.30 10.52
C HIS A 102 7.32 22.71 9.42
N LEU A 103 6.05 22.46 9.72
CA LEU A 103 5.01 22.70 8.75
C LEU A 103 4.68 24.19 8.72
N THR A 104 4.45 24.71 7.52
CA THR A 104 3.85 26.02 7.37
C THR A 104 2.37 25.90 7.79
N LYS A 105 1.66 27.01 7.73
CA LYS A 105 0.24 26.98 8.01
C LYS A 105 -0.45 26.12 6.96
N LYS A 106 0.03 26.19 5.72
CA LYS A 106 -0.58 25.46 4.66
C LYS A 106 -0.36 23.97 4.93
N GLY A 107 0.84 23.61 5.33
CA GLY A 107 1.19 22.25 5.71
C GLY A 107 0.28 21.72 6.81
N ARG A 108 0.06 22.49 7.85
CA ARG A 108 -0.83 22.10 8.94
C ARG A 108 -2.25 21.84 8.40
N LEU A 109 -2.69 22.68 7.45
CA LEU A 109 -4.06 22.54 6.90
C LEU A 109 -4.20 21.21 6.17
N ILE A 110 -3.25 20.87 5.30
CA ILE A 110 -3.41 19.66 4.57
C ILE A 110 -3.17 18.45 5.50
N HIS A 111 -2.28 18.58 6.50
CA HIS A 111 -2.04 17.49 7.45
C HIS A 111 -3.37 17.08 8.12
N ARG A 112 -4.10 18.06 8.59
CA ARG A 112 -5.42 17.86 9.15
C ARG A 112 -6.32 17.06 8.20
N LEU A 113 -6.36 17.45 6.95
CA LEU A 113 -7.26 16.85 5.97
C LEU A 113 -6.96 15.37 5.78
N HIS A 114 -5.66 15.05 5.78
CA HIS A 114 -5.20 13.65 5.63
C HIS A 114 -5.60 12.84 6.86
N LYS A 115 -5.85 13.50 7.98
CA LYS A 115 -6.24 12.82 9.21
C LYS A 115 -7.73 12.49 9.15
N ARG A 116 -8.53 13.35 8.54
CA ARG A 116 -9.97 13.05 8.43
C ARG A 116 -10.14 11.75 7.62
N PHE A 117 -9.27 11.50 6.63
CA PHE A 117 -9.32 10.32 5.82
C PHE A 117 -9.03 9.08 6.67
N HIS A 118 -7.94 9.11 7.40
CA HIS A 118 -7.56 8.06 8.30
C HIS A 118 -8.64 7.81 9.36
N LYS A 119 -9.28 8.86 9.80
CA LYS A 119 -10.30 8.69 10.77
C LYS A 119 -11.55 8.04 10.15
N ALA A 120 -11.94 8.42 8.94
CA ALA A 120 -13.04 7.77 8.27
C ALA A 120 -12.74 6.27 8.03
N MET A 121 -11.48 5.92 7.84
CA MET A 121 -11.11 4.57 7.54
C MET A 121 -11.27 3.69 8.79
N VAL A 122 -10.78 4.18 9.91
CA VAL A 122 -10.88 3.45 11.15
C VAL A 122 -12.34 3.32 11.58
N GLU A 123 -13.14 4.34 11.35
CA GLU A 123 -14.56 4.29 11.74
C GLU A 123 -15.25 3.21 10.89
N LYS A 124 -14.91 3.13 9.59
CA LYS A 124 -15.51 2.08 8.78
C LYS A 124 -14.99 0.71 9.25
N ILE A 125 -13.72 0.60 9.60
CA ILE A 125 -13.17 -0.68 10.02
C ILE A 125 -13.98 -1.23 11.21
N ILE A 126 -14.23 -0.41 12.22
CA ILE A 126 -14.97 -0.86 13.40
C ILE A 126 -16.50 -0.84 13.22
N ASP A 127 -17.03 -0.58 12.04
CA ASP A 127 -18.46 -0.56 11.90
C ASP A 127 -19.06 -1.92 12.33
N GLY A 128 -20.03 -1.86 13.24
CA GLY A 128 -20.77 -3.04 13.65
C GLY A 128 -20.08 -3.77 14.77
N MET A 129 -18.92 -3.27 15.21
CA MET A 129 -18.23 -3.96 16.26
C MET A 129 -18.63 -3.37 17.61
N SER A 130 -18.68 -4.23 18.63
CA SER A 130 -18.89 -3.82 20.02
C SER A 130 -17.55 -3.35 20.57
N GLU A 131 -17.60 -2.73 21.75
CA GLU A 131 -16.39 -2.21 22.40
C GLU A 131 -15.45 -3.36 22.80
N GLU A 132 -15.96 -4.53 23.10
CA GLU A 132 -15.06 -5.64 23.38
C GLU A 132 -14.43 -6.15 22.06
N GLU A 133 -15.16 -6.13 20.96
CA GLU A 133 -14.61 -6.60 19.67
C GLU A 133 -13.50 -5.64 19.24
N ILE A 134 -13.72 -4.34 19.37
CA ILE A 134 -12.72 -3.31 19.13
C ILE A 134 -11.47 -3.57 20.00
N ALA A 135 -11.65 -3.96 21.24
CA ALA A 135 -10.48 -4.22 22.08
C ALA A 135 -9.73 -5.44 21.56
N VAL A 136 -10.48 -6.45 21.14
CA VAL A 136 -9.86 -7.64 20.60
C VAL A 136 -9.10 -7.27 19.31
N MET A 137 -9.74 -6.46 18.49
CA MET A 137 -9.14 -6.01 17.20
C MET A 137 -7.82 -5.27 17.47
N GLY A 138 -7.80 -4.47 18.51
CA GLY A 138 -6.57 -3.80 18.92
C GLY A 138 -5.46 -4.79 19.24
N LYS A 139 -5.80 -5.88 19.92
CA LYS A 139 -4.80 -6.90 20.28
C LYS A 139 -4.38 -7.65 19.02
N GLY A 140 -5.33 -7.95 18.16
CA GLY A 140 -5.07 -8.62 16.88
C GLY A 140 -4.07 -7.83 16.04
N LEU A 141 -4.21 -6.51 15.98
CA LEU A 141 -3.34 -5.71 15.14
C LEU A 141 -1.92 -5.69 15.71
N THR A 142 -1.79 -5.53 17.02
CA THR A 142 -0.44 -5.52 17.63
C THR A 142 0.23 -6.87 17.43
N ASN A 143 -0.52 -7.95 17.50
CA ASN A 143 0.04 -9.29 17.26
C ASN A 143 0.44 -9.46 15.78
N LEU A 144 -0.40 -9.00 14.85
CA LEU A 144 -0.07 -9.12 13.45
C LEU A 144 1.17 -8.27 13.15
N TYR A 145 1.18 -7.04 13.69
CA TYR A 145 2.31 -6.14 13.58
C TYR A 145 3.59 -6.83 14.05
N GLN A 146 3.50 -7.49 15.20
CA GLN A 146 4.67 -8.08 15.85
C GLN A 146 5.17 -9.28 15.04
N PHE A 147 4.25 -10.10 14.59
CA PHE A 147 4.61 -11.20 13.71
C PHE A 147 5.39 -10.67 12.47
N LEU A 148 4.92 -9.60 11.84
CA LEU A 148 5.58 -9.17 10.62
C LEU A 148 6.95 -8.55 10.94
N GLU A 149 7.04 -7.81 12.03
CA GLU A 149 8.32 -7.22 12.44
C GLU A 149 9.40 -8.28 12.57
N ASP A 150 9.05 -9.43 13.13
CA ASP A 150 10.01 -10.53 13.39
C ASP A 150 10.35 -11.27 12.08
N LEU A 151 9.57 -11.10 11.02
CA LEU A 151 9.89 -11.68 9.71
C LEU A 151 10.90 -10.82 8.92
N LYS A 152 11.43 -9.73 9.45
CA LYS A 152 12.49 -9.01 8.73
C LYS A 152 13.60 -8.63 9.72
N ASP B 10 -6.65 6.97 20.16
CA ASP B 10 -6.68 5.49 19.89
C ASP B 10 -6.88 5.23 18.39
N TYR B 11 -7.76 5.96 17.71
N TYR B 11 -7.78 5.94 17.72
CA TYR B 11 -7.91 5.78 16.26
CA TYR B 11 -7.91 5.80 16.28
C TYR B 11 -6.64 6.22 15.54
C TYR B 11 -6.58 6.14 15.59
N GLN B 12 -5.78 7.00 16.20
CA GLN B 12 -4.51 7.38 15.58
C GLN B 12 -3.50 6.25 15.73
N ARG B 13 -3.61 5.43 16.78
CA ARG B 13 -2.65 4.35 16.98
C ARG B 13 -3.11 3.09 16.21
N ILE B 14 -4.41 2.95 15.97
CA ILE B 14 -4.91 1.88 15.06
C ILE B 14 -4.29 2.15 13.69
N ASN B 15 -4.40 3.41 13.28
CA ASN B 15 -3.82 3.89 12.05
C ASN B 15 -2.31 3.68 11.98
N GLU B 16 -1.64 3.85 13.11
CA GLU B 16 -0.17 3.66 13.17
C GLU B 16 0.16 2.19 12.93
N TYR B 17 -0.65 1.29 13.48
CA TYR B 17 -0.41 -0.15 13.30
C TYR B 17 -0.74 -0.57 11.86
N LEU B 18 -1.84 -0.06 11.30
CA LEU B 18 -2.25 -0.43 9.97
C LEU B 18 -1.15 -0.04 8.97
N THR B 19 -0.61 1.18 9.14
CA THR B 19 0.48 1.70 8.28
C THR B 19 1.75 0.86 8.45
N SER B 20 2.15 0.55 9.68
CA SER B 20 3.36 -0.27 9.87
C SER B 20 3.15 -1.69 9.29
N ILE B 21 1.97 -2.23 9.44
CA ILE B 21 1.71 -3.55 8.94
C ILE B 21 1.84 -3.50 7.43
N PHE B 22 1.12 -2.57 6.81
CA PHE B 22 1.18 -2.39 5.36
C PHE B 22 2.63 -2.21 4.93
N ASN B 23 3.40 -1.43 5.66
CA ASN B 23 4.78 -1.15 5.23
C ASN B 23 5.64 -2.42 5.38
N ASN B 24 5.42 -3.19 6.45
CA ASN B 24 6.17 -4.42 6.65
C ASN B 24 5.83 -5.44 5.56
N VAL B 25 4.57 -5.51 5.17
CA VAL B 25 4.20 -6.47 4.14
C VAL B 25 4.98 -6.16 2.84
N LEU B 26 5.10 -4.90 2.46
CA LEU B 26 5.79 -4.56 1.20
C LEU B 26 7.28 -4.93 1.32
N VAL B 27 7.94 -4.56 2.41
CA VAL B 27 9.30 -4.97 2.68
C VAL B 27 9.44 -6.48 2.54
N ILE B 28 8.54 -7.24 3.14
CA ILE B 28 8.72 -8.69 3.10
C ILE B 28 8.49 -9.21 1.68
N GLU B 29 7.59 -8.60 0.91
CA GLU B 29 7.36 -9.06 -0.45
C GLU B 29 8.61 -8.77 -1.31
N GLU B 30 9.21 -7.61 -1.11
CA GLU B 30 10.32 -7.14 -1.89
C GLU B 30 11.51 -8.08 -1.67
N VAL B 31 11.76 -8.40 -0.39
CA VAL B 31 12.93 -9.22 -0.03
C VAL B 31 12.75 -10.63 -0.62
N ASN B 32 11.55 -11.15 -0.57
CA ASN B 32 11.26 -12.47 -1.12
C ASN B 32 11.43 -12.45 -2.66
N LEU B 33 11.00 -11.39 -3.33
CA LEU B 33 11.18 -11.26 -4.79
C LEU B 33 12.67 -11.19 -5.13
N ARG B 34 13.37 -10.25 -4.51
CA ARG B 34 14.79 -10.01 -4.83
C ARG B 34 15.65 -11.21 -4.42
N GLY B 35 15.21 -12.01 -3.45
CA GLY B 35 15.92 -13.24 -3.08
C GLY B 35 15.56 -14.42 -3.97
N SER B 36 14.62 -14.25 -4.91
CA SER B 36 14.16 -15.39 -5.72
C SER B 36 15.03 -15.53 -6.99
N ARG B 37 14.71 -16.51 -7.78
CA ARG B 37 15.36 -16.61 -9.13
C ARG B 37 14.78 -15.63 -10.16
N PHE B 38 13.77 -14.83 -9.81
CA PHE B 38 13.26 -13.83 -10.69
C PHE B 38 13.66 -12.46 -10.16
N LYS B 39 14.80 -11.97 -10.60
CA LYS B 39 15.38 -10.77 -10.02
C LYS B 39 15.08 -9.54 -10.90
N ASP B 40 14.25 -9.69 -11.93
CA ASP B 40 13.88 -8.59 -12.83
C ASP B 40 12.39 -8.21 -12.64
N ILE B 41 11.79 -8.44 -11.47
CA ILE B 41 10.36 -8.25 -11.26
C ILE B 41 10.12 -7.39 -10.01
N SER B 42 9.41 -6.29 -10.19
CA SER B 42 9.02 -5.43 -9.09
C SER B 42 7.75 -5.99 -8.44
N ILE B 43 7.40 -5.45 -7.30
CA ILE B 43 6.16 -5.78 -6.65
C ILE B 43 4.97 -5.42 -7.55
N LYS B 44 5.01 -4.25 -8.16
CA LYS B 44 3.93 -3.82 -9.05
C LYS B 44 3.76 -4.77 -10.25
N GLU B 45 4.87 -5.21 -10.84
CA GLU B 45 4.80 -6.21 -11.92
C GLU B 45 4.23 -7.55 -11.42
N MET B 46 4.59 -7.94 -10.23
CA MET B 46 4.03 -9.16 -9.64
C MET B 46 2.51 -9.01 -9.56
N HIS B 47 2.02 -7.83 -9.21
CA HIS B 47 0.55 -7.60 -9.11
C HIS B 47 -0.09 -7.79 -10.49
N THR B 48 0.54 -7.26 -11.54
CA THR B 48 0.04 -7.38 -12.92
C THR B 48 0.07 -8.84 -13.40
N ILE B 49 1.17 -9.53 -13.13
CA ILE B 49 1.24 -10.95 -13.42
C ILE B 49 0.07 -11.69 -12.73
N ASP B 50 -0.19 -11.40 -11.46
CA ASP B 50 -1.26 -12.04 -10.70
C ASP B 50 -2.62 -11.75 -11.32
N VAL B 51 -2.85 -10.55 -11.79
CA VAL B 51 -4.12 -10.25 -12.42
C VAL B 51 -4.29 -11.11 -13.68
N ILE B 52 -3.24 -11.21 -14.46
CA ILE B 52 -3.31 -11.98 -15.73
C ILE B 52 -3.39 -13.47 -15.40
N GLY B 53 -2.63 -13.94 -14.43
CA GLY B 53 -2.68 -15.35 -14.09
C GLY B 53 -4.07 -15.77 -13.63
N LYS B 54 -4.75 -14.93 -12.82
CA LYS B 54 -6.05 -15.27 -12.26
C LYS B 54 -7.11 -15.21 -13.33
N ALA B 55 -6.89 -14.40 -14.37
CA ALA B 55 -7.93 -14.23 -15.39
C ALA B 55 -7.33 -14.31 -16.80
N PRO B 56 -7.12 -15.53 -17.29
CA PRO B 56 -6.47 -15.67 -18.57
C PRO B 56 -7.30 -14.98 -19.67
N ASP B 57 -6.62 -14.28 -20.56
CA ASP B 57 -7.26 -13.52 -21.63
C ASP B 57 -7.90 -12.21 -21.11
N VAL B 58 -7.53 -11.77 -19.94
CA VAL B 58 -7.87 -10.41 -19.56
C VAL B 58 -7.25 -9.42 -20.58
N THR B 59 -7.94 -8.33 -20.79
CA THR B 59 -7.49 -7.28 -21.71
C THR B 59 -6.68 -6.19 -20.97
N PRO B 60 -5.91 -5.39 -21.69
CA PRO B 60 -5.24 -4.25 -21.00
C PRO B 60 -6.23 -3.35 -20.24
N SER B 61 -7.39 -3.06 -20.82
CA SER B 61 -8.41 -2.19 -20.18
C SER B 61 -8.88 -2.76 -18.85
N GLN B 62 -9.07 -4.06 -18.79
CA GLN B 62 -9.47 -4.73 -17.55
C GLN B 62 -8.30 -4.72 -16.56
N VAL B 63 -7.06 -4.85 -17.04
CA VAL B 63 -5.94 -4.73 -16.07
C VAL B 63 -5.96 -3.33 -15.46
N SER B 64 -6.23 -2.34 -16.28
CA SER B 64 -6.17 -0.95 -15.91
C SER B 64 -7.23 -0.65 -14.83
N LYS B 65 -8.38 -1.24 -15.01
CA LYS B 65 -9.51 -1.09 -14.11
C LYS B 65 -9.20 -1.75 -12.77
N GLU B 66 -8.70 -2.97 -12.82
CA GLU B 66 -8.31 -3.70 -11.59
C GLU B 66 -7.23 -2.97 -10.78
N LEU B 67 -6.18 -2.46 -11.41
CA LEU B 67 -5.08 -1.89 -10.64
C LEU B 67 -5.25 -0.38 -10.42
N MET B 68 -6.24 0.22 -11.05
CA MET B 68 -6.58 1.63 -10.89
C MET B 68 -5.41 2.50 -11.33
N VAL B 69 -4.83 2.12 -12.48
CA VAL B 69 -3.88 2.98 -13.18
C VAL B 69 -4.40 3.23 -14.61
N THR B 70 -3.86 4.24 -15.29
CA THR B 70 -4.34 4.54 -16.64
C THR B 70 -3.86 3.43 -17.58
N LEU B 71 -4.53 3.35 -18.70
CA LEU B 71 -4.22 2.35 -19.73
C LEU B 71 -2.80 2.51 -20.28
N GLY B 72 -2.35 3.73 -20.48
CA GLY B 72 -1.01 3.97 -20.97
C GLY B 72 0.04 3.41 -20.05
N THR B 73 -0.18 3.62 -18.75
CA THR B 73 0.71 3.02 -17.75
C THR B 73 0.72 1.50 -17.87
N VAL B 74 -0.42 0.91 -18.18
CA VAL B 74 -0.50 -0.53 -18.33
C VAL B 74 0.25 -0.96 -19.59
N THR B 75 0.05 -0.26 -20.69
CA THR B 75 0.72 -0.68 -21.91
C THR B 75 2.25 -0.75 -21.71
N THR B 76 2.78 0.26 -21.05
CA THR B 76 4.19 0.35 -20.79
C THR B 76 4.65 -0.82 -19.92
N SER B 77 3.88 -1.09 -18.88
CA SER B 77 4.22 -2.21 -18.06
C SER B 77 4.13 -3.51 -18.88
N LEU B 78 3.11 -3.65 -19.73
CA LEU B 78 2.94 -4.91 -20.45
C LEU B 78 4.09 -5.07 -21.45
N ASN B 79 4.57 -3.98 -22.05
CA ASN B 79 5.74 -4.02 -22.96
C ASN B 79 6.97 -4.56 -22.21
N ASN B 80 7.19 -4.11 -20.99
CA ASN B 80 8.29 -4.56 -20.17
C ASN B 80 8.11 -6.04 -19.81
N LEU B 81 6.90 -6.45 -19.40
CA LEU B 81 6.74 -7.82 -18.98
C LEU B 81 6.87 -8.74 -20.20
N GLU B 82 6.41 -8.27 -21.36
CA GLU B 82 6.45 -9.10 -22.56
C GLU B 82 7.91 -9.27 -23.03
N ARG B 83 8.67 -8.20 -22.97
CA ARG B 83 10.09 -8.17 -23.36
C ARG B 83 10.88 -9.12 -22.44
N LYS B 84 10.55 -9.17 -21.16
CA LYS B 84 11.29 -9.94 -20.17
C LYS B 84 10.82 -11.38 -20.11
N GLY B 85 9.82 -11.77 -20.90
CA GLY B 85 9.45 -13.18 -21.09
C GLY B 85 8.34 -13.69 -20.17
N TYR B 86 7.60 -12.79 -19.52
CA TYR B 86 6.61 -13.19 -18.50
C TYR B 86 5.20 -13.26 -19.07
N ILE B 87 4.87 -12.44 -20.07
CA ILE B 87 3.52 -12.45 -20.66
C ILE B 87 3.57 -12.46 -22.18
N GLU B 88 2.41 -12.75 -22.79
CA GLU B 88 2.22 -12.65 -24.23
C GLU B 88 0.92 -11.89 -24.49
N ARG B 89 0.98 -11.05 -25.49
CA ARG B 89 -0.19 -10.42 -26.06
C ARG B 89 -0.68 -11.23 -27.26
N VAL B 90 -1.99 -11.42 -27.37
CA VAL B 90 -2.61 -12.05 -28.56
C VAL B 90 -3.81 -11.21 -29.03
N ARG B 91 -3.81 -10.75 -30.25
CA ARG B 91 -4.94 -9.99 -30.77
C ARG B 91 -6.18 -10.90 -30.85
N SER B 92 -7.30 -10.35 -30.41
CA SER B 92 -8.57 -11.02 -30.51
C SER B 92 -8.91 -11.30 -31.98
N GLU B 93 -9.42 -12.49 -32.29
CA GLU B 93 -9.85 -12.81 -33.68
C GLU B 93 -11.23 -12.18 -33.93
N GLN B 94 -12.05 -12.04 -32.89
CA GLN B 94 -13.40 -11.44 -32.99
C GLN B 94 -13.34 -9.90 -33.08
N ASP B 95 -12.38 -9.22 -32.44
CA ASP B 95 -12.31 -7.74 -32.54
C ASP B 95 -10.83 -7.33 -32.42
N ARG B 96 -10.28 -6.81 -33.49
CA ARG B 96 -8.83 -6.76 -33.63
C ARG B 96 -8.28 -5.51 -32.93
N ARG B 97 -9.14 -4.71 -32.31
CA ARG B 97 -8.68 -3.68 -31.42
C ARG B 97 -8.25 -4.30 -30.08
N VAL B 98 -8.73 -5.48 -29.77
CA VAL B 98 -8.73 -6.02 -28.44
C VAL B 98 -7.51 -6.94 -28.31
N VAL B 99 -6.82 -6.84 -27.19
CA VAL B 99 -5.69 -7.72 -26.92
C VAL B 99 -6.03 -8.63 -25.74
N HIS B 100 -5.78 -9.90 -25.86
CA HIS B 100 -5.89 -10.82 -24.78
C HIS B 100 -4.51 -11.08 -24.22
N LEU B 101 -4.39 -11.10 -22.89
CA LEU B 101 -3.11 -11.32 -22.20
C LEU B 101 -3.08 -12.72 -21.60
N HIS B 102 -1.92 -13.37 -21.61
CA HIS B 102 -1.77 -14.73 -21.02
C HIS B 102 -0.34 -14.91 -20.52
N LEU B 103 -0.14 -15.54 -19.36
CA LEU B 103 1.15 -15.74 -18.83
C LEU B 103 1.92 -16.70 -19.76
N THR B 104 3.21 -16.50 -19.89
CA THR B 104 4.07 -17.50 -20.47
C THR B 104 4.36 -18.59 -19.44
N LYS B 105 5.13 -19.58 -19.86
CA LYS B 105 5.53 -20.63 -18.91
C LYS B 105 6.24 -20.02 -17.71
N LYS B 106 7.20 -19.14 -17.97
CA LYS B 106 7.86 -18.45 -16.88
C LYS B 106 6.85 -17.62 -16.05
N GLY B 107 5.87 -17.01 -16.68
CA GLY B 107 4.93 -16.22 -15.92
C GLY B 107 4.10 -17.10 -15.00
N ARG B 108 3.76 -18.29 -15.45
CA ARG B 108 2.94 -19.20 -14.65
C ARG B 108 3.78 -19.69 -13.49
N LEU B 109 5.05 -19.95 -13.72
CA LEU B 109 5.92 -20.36 -12.64
C LEU B 109 5.95 -19.30 -11.53
N ILE B 110 6.29 -18.05 -11.83
CA ILE B 110 6.37 -17.09 -10.75
C ILE B 110 4.97 -16.86 -10.14
N HIS B 111 3.91 -16.85 -10.94
CA HIS B 111 2.59 -16.65 -10.38
C HIS B 111 2.32 -17.76 -9.32
N ARG B 112 2.58 -18.98 -9.71
CA ARG B 112 2.36 -20.15 -8.83
C ARG B 112 3.20 -20.04 -7.57
N LEU B 113 4.45 -19.61 -7.68
CA LEU B 113 5.27 -19.51 -6.49
C LEU B 113 4.78 -18.38 -5.57
N HIS B 114 4.21 -17.36 -6.18
CA HIS B 114 3.78 -16.21 -5.43
C HIS B 114 2.49 -16.55 -4.68
N LYS B 115 1.58 -17.26 -5.32
CA LYS B 115 0.33 -17.66 -4.68
C LYS B 115 0.61 -18.57 -3.47
N ARG B 116 1.58 -19.46 -3.61
CA ARG B 116 2.01 -20.36 -2.54
C ARG B 116 2.61 -19.58 -1.38
N PHE B 117 3.45 -18.60 -1.67
CA PHE B 117 4.07 -17.82 -0.65
C PHE B 117 2.98 -17.09 0.16
N HIS B 118 2.05 -16.42 -0.53
CA HIS B 118 0.97 -15.69 0.14
C HIS B 118 0.14 -16.65 0.99
N LYS B 119 -0.31 -17.76 0.43
CA LYS B 119 -1.14 -18.73 1.16
C LYS B 119 -0.41 -19.18 2.44
N ALA B 120 0.81 -19.66 2.32
CA ALA B 120 1.55 -20.14 3.49
C ALA B 120 1.61 -19.06 4.58
N MET B 121 1.90 -17.82 4.19
CA MET B 121 2.09 -16.74 5.16
C MET B 121 0.76 -16.44 5.86
N VAL B 122 -0.32 -16.42 5.10
CA VAL B 122 -1.56 -16.06 5.66
C VAL B 122 -2.00 -17.16 6.63
N GLU B 123 -1.82 -18.41 6.20
CA GLU B 123 -2.21 -19.59 7.02
C GLU B 123 -1.41 -19.55 8.33
N LYS B 124 -0.13 -19.25 8.25
CA LYS B 124 0.73 -19.18 9.42
C LYS B 124 0.25 -18.08 10.37
N ILE B 125 -0.21 -16.97 9.82
CA ILE B 125 -0.68 -15.87 10.61
C ILE B 125 -1.97 -16.28 11.32
N ILE B 126 -2.91 -16.87 10.58
CA ILE B 126 -4.15 -17.29 11.14
C ILE B 126 -3.88 -18.35 12.23
N ASP B 127 -2.88 -19.20 12.02
CA ASP B 127 -2.58 -20.29 12.95
C ASP B 127 -2.23 -19.73 14.33
N GLY B 128 -1.56 -18.60 14.40
CA GLY B 128 -1.16 -18.02 15.69
C GLY B 128 -2.20 -17.09 16.32
N MET B 129 -3.45 -17.11 15.86
CA MET B 129 -4.47 -16.19 16.40
C MET B 129 -5.57 -17.00 17.11
N SER B 130 -6.23 -16.34 18.05
CA SER B 130 -7.31 -16.95 18.83
C SER B 130 -8.57 -16.92 17.99
N GLU B 131 -9.53 -17.76 18.31
CA GLU B 131 -10.74 -17.81 17.55
C GLU B 131 -11.42 -16.43 17.55
N GLU B 132 -11.30 -15.70 18.66
CA GLU B 132 -11.97 -14.45 18.73
C GLU B 132 -11.21 -13.41 17.89
N GLU B 133 -9.88 -13.40 17.95
CA GLU B 133 -9.06 -12.57 17.06
C GLU B 133 -9.44 -12.79 15.59
N ILE B 134 -9.59 -14.03 15.16
CA ILE B 134 -9.85 -14.34 13.75
C ILE B 134 -11.24 -13.84 13.38
N ALA B 135 -12.22 -14.05 14.25
CA ALA B 135 -13.54 -13.55 13.96
C ALA B 135 -13.53 -12.02 13.73
N VAL B 136 -12.84 -11.30 14.57
CA VAL B 136 -12.93 -9.86 14.52
C VAL B 136 -11.96 -9.27 13.46
N MET B 137 -10.77 -9.81 13.31
CA MET B 137 -9.85 -9.44 12.21
C MET B 137 -10.55 -9.68 10.86
N GLY B 138 -11.36 -10.71 10.75
CA GLY B 138 -12.13 -10.99 9.53
C GLY B 138 -13.17 -9.93 9.24
N LYS B 139 -13.83 -9.49 10.30
CA LYS B 139 -14.84 -8.47 10.17
C LYS B 139 -14.14 -7.13 9.83
N GLY B 140 -13.07 -6.80 10.47
CA GLY B 140 -12.35 -5.56 10.11
C GLY B 140 -11.84 -5.62 8.66
N LEU B 141 -11.34 -6.78 8.24
CA LEU B 141 -10.80 -6.92 6.84
C LEU B 141 -11.94 -6.67 5.87
N THR B 142 -13.10 -7.23 6.17
CA THR B 142 -14.25 -7.02 5.32
C THR B 142 -14.60 -5.54 5.26
N ASN B 143 -14.60 -4.89 6.43
CA ASN B 143 -14.99 -3.48 6.50
C ASN B 143 -13.98 -2.61 5.73
N LEU B 144 -12.70 -2.89 5.89
CA LEU B 144 -11.65 -2.15 5.22
C LEU B 144 -11.81 -2.37 3.72
N TYR B 145 -12.01 -3.62 3.30
CA TYR B 145 -12.23 -3.84 1.90
C TYR B 145 -13.39 -2.97 1.40
N GLN B 146 -14.47 -2.93 2.18
CA GLN B 146 -15.66 -2.21 1.72
C GLN B 146 -15.42 -0.69 1.77
N PHE B 147 -14.68 -0.20 2.74
CA PHE B 147 -14.38 1.25 2.78
C PHE B 147 -13.79 1.70 1.42
N LEU B 148 -12.77 0.95 0.99
CA LEU B 148 -12.09 1.26 -0.27
C LEU B 148 -13.01 1.05 -1.45
N GLU B 149 -13.73 -0.09 -1.45
CA GLU B 149 -14.58 -0.39 -2.56
C GLU B 149 -15.61 0.73 -2.73
N ASP B 150 -16.03 1.33 -1.63
CA ASP B 150 -17.06 2.41 -1.65
C ASP B 150 -16.47 3.73 -2.18
N LEU B 151 -15.15 3.85 -2.29
CA LEU B 151 -14.55 5.09 -2.78
C LEU B 151 -14.19 4.97 -4.26
N LYS B 152 -14.31 3.79 -4.87
CA LYS B 152 -13.77 3.61 -6.22
C LYS B 152 -14.63 4.37 -7.26
C1 TRD E . -8.32 -5.28 10.25
C2 TRD E . -7.53 -5.21 9.01
C3 TRD E . -6.51 -6.36 8.87
C4 TRD E . -5.78 -6.33 7.62
C5 TRD E . -4.44 -5.80 7.62
C6 TRD E . -4.02 -5.33 6.21
C7 TRD E . -3.27 -4.09 6.24
C8 TRD E . -3.77 -3.12 5.30
C9 TRD E . -3.51 -1.74 5.83
C10 TRD E . -3.85 -0.75 4.85
C11 TRD E . -4.07 0.59 5.35
C12 TRD E . -2.76 1.34 5.53
C13 TRD E . -2.53 2.39 4.57
C1 TRD F . -10.09 -14.80 9.17
C2 TRD F . -9.61 -13.49 8.85
C3 TRD F . -8.18 -13.34 9.34
C4 TRD F . -7.57 -12.17 8.78
C5 TRD F . -6.20 -12.43 8.43
C6 TRD F . -5.57 -11.27 7.68
C7 TRD F . -4.15 -11.50 7.50
C8 TRD F . -3.55 -10.29 7.07
C9 TRD F . -2.07 -10.44 7.02
C10 TRD F . -1.67 -10.69 5.68
C11 TRD F . -0.51 -9.97 5.30
C12 TRD F . 0.51 -10.97 4.75
C13 TRD F . 0.36 -11.10 3.34
#